data_6QO6
#
_entry.id   6QO6
#
_cell.length_a   74.077
_cell.length_b   78.772
_cell.length_c   86.324
_cell.angle_alpha   90.000
_cell.angle_beta   90.000
_cell.angle_gamma   90.000
#
_symmetry.space_group_name_H-M   'P 21 21 21'
#
loop_
_entity.id
_entity.type
_entity.pdbx_description
1 polymer 'tRNA (guanine-N(1)-)-methyltransferase'
2 non-polymer 5-METHOXYBENZIMIDAZOLE
3 water water
#
_entity_poly.entity_id   1
_entity_poly.type   'polypeptide(L)'
_entity_poly.pdbx_seq_one_letter_code
;GSMKIDVVTIFPEYLQPVRQSLPGKAIDAGLVDVAVHDLRRWTHDVHKSVDDSPYGGGPGMVMKPTVWGDALDEICTSET
LLVVPTPAGYPFTQETAWQWSTEDHLVIACGRYEGIDQRVADDAATRMRVREVSIGDYVLNGGEAAALVIIEAVLRLVPG
VLGNALSAQEDSHSEGMASLLEGPSYTRPPSWRGMDVPPVLLSGDHAKIAAWRAEQSRQRTIERRPDLLGFDSPTGEHGG
DGLS
;
_entity_poly.pdbx_strand_id   A,B
#
loop_
_chem_comp.id
_chem_comp.type
_chem_comp.name
_chem_comp.formula
5OB non-polymer 5-METHOXYBENZIMIDAZOLE 'C8 H8 N2 O'
#
# COMPACT_ATOMS: atom_id res chain seq x y z
N SER A 2 -0.12 -0.25 -24.52
CA SER A 2 1.08 0.59 -24.51
C SER A 2 0.96 1.73 -23.50
N MET A 3 1.52 1.53 -22.30
CA MET A 3 1.47 2.54 -21.26
C MET A 3 2.85 2.98 -20.79
N LYS A 4 3.01 4.29 -20.61
CA LYS A 4 4.23 4.85 -20.03
C LYS A 4 3.93 5.35 -18.64
N ILE A 5 4.74 4.95 -17.65
CA ILE A 5 4.61 5.48 -16.31
C ILE A 5 5.90 6.20 -15.93
N ASP A 6 5.81 7.48 -15.57
CA ASP A 6 6.95 8.19 -15.01
C ASP A 6 6.70 8.39 -13.53
N VAL A 7 7.68 8.05 -12.69
CA VAL A 7 7.56 8.27 -11.25
C VAL A 7 8.60 9.33 -10.85
N VAL A 8 8.17 10.33 -10.08
CA VAL A 8 9.10 11.36 -9.60
C VAL A 8 9.17 11.29 -8.07
N THR A 9 10.38 11.22 -7.54
CA THR A 9 10.55 10.93 -6.12
C THR A 9 11.93 11.39 -5.64
N ILE A 10 12.09 11.69 -4.35
CA ILE A 10 13.45 11.92 -3.85
C ILE A 10 14.14 10.62 -3.42
N PHE A 11 13.42 9.50 -3.52
CA PHE A 11 14.01 8.18 -3.27
C PHE A 11 13.89 7.25 -4.47
N PRO A 12 14.62 7.53 -5.56
CA PRO A 12 14.42 6.75 -6.80
C PRO A 12 14.70 5.25 -6.67
N GLU A 13 15.62 4.88 -5.79
CA GLU A 13 15.96 3.48 -5.55
C GLU A 13 14.79 2.69 -4.97
N TYR A 14 13.84 3.37 -4.36
CA TYR A 14 12.64 2.74 -3.80
C TYR A 14 11.81 2.10 -4.90
N LEU A 15 11.89 2.67 -6.09
CA LEU A 15 11.02 2.29 -7.21
C LEU A 15 11.66 1.29 -8.18
N GLN A 16 12.97 1.14 -8.10
CA GLN A 16 13.70 0.23 -9.00
C GLN A 16 13.24 -1.24 -9.00
N PRO A 17 12.83 -1.81 -7.85
CA PRO A 17 12.35 -3.20 -7.90
C PRO A 17 11.14 -3.41 -8.80
N VAL A 18 10.19 -2.48 -8.75
CA VAL A 18 9.10 -2.43 -9.71
C VAL A 18 9.61 -2.42 -11.16
N ARG A 19 10.65 -1.63 -11.41
CA ARG A 19 11.25 -1.56 -12.74
C ARG A 19 11.78 -2.94 -13.15
N GLN A 20 12.58 -3.55 -12.29
CA GLN A 20 13.04 -4.92 -12.49
C GLN A 20 11.98 -5.90 -11.98
N SER A 21 10.85 -5.93 -12.66
CA SER A 21 9.71 -6.76 -12.30
C SER A 21 8.84 -6.97 -13.54
N LEU A 22 8.91 -6.03 -14.46
CA LEU A 22 8.18 -6.12 -15.73
C LEU A 22 8.76 -7.21 -16.60
N PRO A 23 7.90 -8.06 -17.16
CA PRO A 23 8.28 -9.14 -18.08
C PRO A 23 8.87 -8.64 -19.41
N GLY A 24 8.22 -8.99 -20.52
CA GLY A 24 8.74 -8.69 -21.83
C GLY A 24 7.96 -7.66 -22.62
N LYS A 25 8.10 -6.39 -22.24
CA LYS A 25 7.60 -5.28 -23.05
C LYS A 25 8.49 -4.07 -22.86
N VAL A 32 4.59 -1.57 -22.25
CA VAL A 32 4.83 -0.90 -20.97
C VAL A 32 6.24 -0.31 -20.86
N ASP A 33 6.36 0.83 -20.18
CA ASP A 33 7.65 1.42 -19.85
C ASP A 33 7.51 2.21 -18.55
N VAL A 34 8.37 1.90 -17.59
CA VAL A 34 8.33 2.56 -16.28
C VAL A 34 9.65 3.27 -16.03
N ALA A 35 9.61 4.58 -15.89
CA ALA A 35 10.83 5.37 -15.69
C ALA A 35 10.78 6.09 -14.36
N VAL A 36 11.90 6.13 -13.67
CA VAL A 36 11.97 6.79 -12.37
C VAL A 36 12.90 7.98 -12.43
N HIS A 37 12.47 9.09 -11.84
CA HIS A 37 13.22 10.34 -11.87
C HIS A 37 13.45 10.89 -10.46
N ASP A 38 14.71 11.21 -10.18
CA ASP A 38 15.09 11.87 -8.94
C ASP A 38 14.62 13.32 -8.99
N LEU A 39 13.74 13.70 -8.06
CA LEU A 39 13.21 15.07 -8.01
C LEU A 39 14.31 16.12 -7.89
N ARG A 40 15.44 15.76 -7.29
CA ARG A 40 16.50 16.73 -7.06
C ARG A 40 17.13 17.22 -8.37
N ARG A 41 16.83 16.53 -9.46
CA ARG A 41 17.32 16.99 -10.76
C ARG A 41 16.72 18.35 -11.15
N TRP A 42 15.58 18.70 -10.55
CA TRP A 42 14.93 19.97 -10.84
C TRP A 42 15.07 21.00 -9.71
N THR A 43 15.98 20.76 -8.78
CA THR A 43 16.25 21.77 -7.75
C THR A 43 17.09 22.93 -8.31
N HIS A 44 17.06 24.08 -7.63
CA HIS A 44 17.66 25.31 -8.14
C HIS A 44 18.93 25.70 -7.42
N ASP A 45 19.13 25.16 -6.24
CA ASP A 45 20.22 25.60 -5.39
C ASP A 45 21.25 24.50 -5.15
N VAL A 46 22.43 24.91 -4.72
CA VAL A 46 23.51 23.96 -4.54
C VAL A 46 23.17 22.99 -3.40
N HIS A 47 22.25 23.39 -2.52
CA HIS A 47 21.81 22.50 -1.43
C HIS A 47 20.74 21.51 -1.86
N LYS A 48 20.29 21.60 -3.10
CA LYS A 48 19.28 20.71 -3.67
C LYS A 48 18.03 20.63 -2.77
N SER A 49 17.51 21.81 -2.40
CA SER A 49 16.39 21.90 -1.48
C SER A 49 15.08 21.49 -2.16
N VAL A 50 14.34 20.58 -1.54
CA VAL A 50 13.04 20.18 -2.10
C VAL A 50 11.85 20.58 -1.22
N ASP A 51 12.12 21.02 0.00
CA ASP A 51 11.01 21.44 0.84
C ASP A 51 11.36 22.69 1.66
N ASP A 52 10.37 23.21 2.37
CA ASP A 52 10.47 24.51 3.02
C ASP A 52 9.36 24.57 4.08
N SER A 53 9.47 25.52 5.00
CA SER A 53 8.52 25.58 6.12
C SER A 53 7.12 25.98 5.66
N PRO A 54 6.08 25.43 6.29
CA PRO A 54 4.71 25.71 5.86
C PRO A 54 4.25 27.09 6.25
N TYR A 55 3.64 27.80 5.31
CA TYR A 55 2.98 29.05 5.64
C TYR A 55 1.87 28.80 6.66
N GLY A 56 1.77 29.67 7.66
CA GLY A 56 0.74 29.55 8.67
C GLY A 56 1.22 28.75 9.85
N GLY A 57 2.45 28.24 9.76
CA GLY A 57 3.05 27.51 10.86
C GLY A 57 2.68 26.04 10.86
N GLY A 58 3.32 25.28 11.75
CA GLY A 58 3.04 23.88 11.87
C GLY A 58 4.30 23.06 11.79
N PRO A 59 4.21 21.77 12.11
CA PRO A 59 5.37 20.88 12.09
C PRO A 59 5.64 20.36 10.69
N GLY A 60 6.85 19.87 10.45
CA GLY A 60 7.19 19.28 9.18
C GLY A 60 7.51 20.33 8.13
N MET A 61 7.54 19.89 6.89
CA MET A 61 7.93 20.74 5.78
C MET A 61 6.95 20.50 4.65
N VAL A 62 6.85 21.46 3.74
CA VAL A 62 6.00 21.34 2.57
C VAL A 62 6.91 21.34 1.34
N MET A 63 6.62 20.51 0.35
CA MET A 63 7.51 20.46 -0.81
C MET A 63 7.29 21.68 -1.69
N LYS A 64 8.40 22.18 -2.22
CA LYS A 64 8.46 23.46 -2.92
C LYS A 64 7.76 23.42 -4.27
N PRO A 65 6.93 24.45 -4.55
CA PRO A 65 6.22 24.50 -5.82
C PRO A 65 7.15 24.76 -7.00
N THR A 66 8.21 25.55 -6.81
CA THR A 66 9.07 25.87 -7.96
C THR A 66 9.76 24.60 -8.49
N VAL A 67 10.16 23.72 -7.58
CA VAL A 67 10.86 22.50 -7.96
C VAL A 67 9.90 21.51 -8.66
N TRP A 68 8.77 21.24 -8.03
CA TRP A 68 7.79 20.34 -8.59
C TRP A 68 7.23 20.88 -9.91
N GLY A 69 7.04 22.19 -9.98
CA GLY A 69 6.51 22.80 -11.21
C GLY A 69 7.43 22.55 -12.40
N ASP A 70 8.74 22.73 -12.19
CA ASP A 70 9.72 22.49 -13.25
C ASP A 70 9.73 21.02 -13.67
N ALA A 71 9.66 20.12 -12.69
CA ALA A 71 9.72 18.70 -12.97
C ALA A 71 8.52 18.26 -13.80
N LEU A 72 7.33 18.71 -13.41
CA LEU A 72 6.12 18.27 -14.10
C LEU A 72 6.05 18.95 -15.48
N ASP A 73 6.56 20.16 -15.59
CA ASP A 73 6.61 20.86 -16.88
C ASP A 73 7.37 20.04 -17.90
N GLU A 74 8.45 19.42 -17.45
CA GLU A 74 9.30 18.63 -18.34
C GLU A 74 8.71 17.27 -18.68
N ILE A 75 8.11 16.64 -17.67
CA ILE A 75 7.68 15.24 -17.79
C ILE A 75 6.26 15.09 -18.33
N CYS A 76 5.36 15.99 -17.96
CA CYS A 76 3.95 15.85 -18.34
C CYS A 76 3.62 16.47 -19.70
N THR A 77 2.59 15.93 -20.32
CA THR A 77 1.99 16.56 -21.50
C THR A 77 0.50 16.73 -21.28
N SER A 78 -0.19 17.28 -22.27
CA SER A 78 -1.63 17.44 -22.18
C SER A 78 -2.35 16.10 -22.04
N GLU A 79 -1.70 15.02 -22.46
CA GLU A 79 -2.33 13.69 -22.41
C GLU A 79 -2.11 12.98 -21.08
N THR A 80 -1.25 13.55 -20.24
CA THR A 80 -0.89 12.91 -18.97
C THR A 80 -2.02 12.84 -17.95
N LEU A 81 -2.13 11.71 -17.28
CA LEU A 81 -2.88 11.62 -16.04
C LEU A 81 -1.91 11.70 -14.88
N LEU A 82 -1.98 12.79 -14.13
CA LEU A 82 -1.07 13.04 -13.01
C LEU A 82 -1.67 12.47 -11.75
N VAL A 83 -1.00 11.48 -11.18
CA VAL A 83 -1.44 10.80 -9.96
C VAL A 83 -0.61 11.31 -8.79
N VAL A 84 -1.28 11.77 -7.75
CA VAL A 84 -0.60 12.30 -6.59
C VAL A 84 -1.05 11.54 -5.34
N PRO A 85 -0.26 10.57 -4.89
CA PRO A 85 -0.63 9.85 -3.66
C PRO A 85 -0.61 10.77 -2.43
N THR A 86 -1.69 10.74 -1.66
CA THR A 86 -1.77 11.56 -0.45
C THR A 86 -2.80 10.96 0.48
N PRO A 87 -2.53 10.97 1.79
CA PRO A 87 -3.52 10.44 2.73
C PRO A 87 -4.82 11.23 2.69
N ALA A 88 -4.78 12.43 2.13
CA ALA A 88 -5.94 13.31 2.01
C ALA A 88 -6.67 13.15 0.67
N GLY A 89 -6.36 12.09 -0.07
CA GLY A 89 -6.92 11.92 -1.40
C GLY A 89 -8.30 11.28 -1.46
N TYR A 90 -8.89 11.27 -2.65
CA TYR A 90 -10.02 10.41 -2.94
C TYR A 90 -9.54 8.96 -2.84
N PRO A 91 -10.43 8.01 -2.52
CA PRO A 91 -9.93 6.63 -2.37
C PRO A 91 -9.54 6.00 -3.69
N PHE A 92 -8.36 5.39 -3.73
CA PHE A 92 -7.96 4.54 -4.86
C PHE A 92 -8.61 3.16 -4.70
N THR A 93 -9.39 2.75 -5.69
CA THR A 93 -10.08 1.45 -5.60
C THR A 93 -9.81 0.62 -6.85
N GLN A 94 -10.31 -0.61 -6.86
CA GLN A 94 -10.16 -1.44 -8.05
C GLN A 94 -10.81 -0.78 -9.28
N GLU A 95 -11.87 -0.01 -9.06
CA GLU A 95 -12.52 0.68 -10.17
C GLU A 95 -11.58 1.72 -10.74
N THR A 96 -10.86 2.40 -9.86
CA THR A 96 -9.84 3.35 -10.29
C THR A 96 -8.76 2.67 -11.10
N ALA A 97 -8.29 1.53 -10.60
CA ALA A 97 -7.22 0.78 -11.26
C ALA A 97 -7.64 0.40 -12.67
N TRP A 98 -8.89 -0.05 -12.82
CA TRP A 98 -9.41 -0.38 -14.14
C TRP A 98 -9.43 0.84 -15.05
N GLN A 99 -9.89 1.96 -14.52
CA GLN A 99 -9.96 3.18 -15.33
C GLN A 99 -8.56 3.58 -15.82
N TRP A 100 -7.60 3.63 -14.91
CA TRP A 100 -6.25 4.06 -15.25
C TRP A 100 -5.49 3.07 -16.12
N SER A 101 -5.93 1.82 -16.15
CA SER A 101 -5.23 0.79 -16.94
C SER A 101 -5.26 1.05 -18.44
N THR A 102 -6.18 1.89 -18.89
CA THR A 102 -6.25 2.19 -20.33
C THR A 102 -5.60 3.53 -20.70
N GLU A 103 -4.98 4.20 -19.73
CA GLU A 103 -4.27 5.46 -19.99
C GLU A 103 -2.95 5.25 -20.73
N ASP A 104 -2.59 6.21 -21.56
CA ASP A 104 -1.33 6.15 -22.30
C ASP A 104 -0.15 6.60 -21.46
N HIS A 105 -0.38 7.47 -20.50
CA HIS A 105 0.71 8.10 -19.76
C HIS A 105 0.29 8.47 -18.36
N LEU A 106 0.85 7.76 -17.38
CA LEU A 106 0.69 8.10 -15.98
C LEU A 106 1.96 8.76 -15.46
N VAL A 107 1.81 9.85 -14.72
CA VAL A 107 2.94 10.41 -13.99
C VAL A 107 2.56 10.38 -12.51
N ILE A 108 3.40 9.77 -11.70
CA ILE A 108 3.11 9.66 -10.27
C ILE A 108 4.07 10.52 -9.48
N ALA A 109 3.51 11.52 -8.79
CA ALA A 109 4.31 12.48 -8.04
C ALA A 109 4.33 12.08 -6.57
N CYS A 110 5.48 11.58 -6.11
CA CYS A 110 5.62 11.08 -4.74
C CYS A 110 6.11 12.17 -3.83
N GLY A 111 5.33 12.51 -2.81
CA GLY A 111 5.75 13.53 -1.87
C GLY A 111 5.70 13.05 -0.43
N ARG A 112 6.28 13.82 0.47
CA ARG A 112 6.10 13.56 1.90
C ARG A 112 4.65 13.80 2.32
N TYR A 113 4.21 13.21 3.43
CA TYR A 113 2.77 13.22 3.76
C TYR A 113 2.25 14.61 4.11
N GLU A 114 3.13 15.48 4.60
CA GLU A 114 2.78 16.88 4.91
C GLU A 114 2.36 17.61 3.65
N GLY A 115 2.87 17.16 2.51
CA GLY A 115 2.33 17.54 1.23
C GLY A 115 3.24 18.30 0.29
N ILE A 116 2.79 18.35 -0.96
CA ILE A 116 3.30 19.25 -1.98
C ILE A 116 2.44 20.51 -1.95
N ASP A 117 3.08 21.68 -2.03
CA ASP A 117 2.36 22.95 -2.13
C ASP A 117 1.15 22.78 -3.06
N GLN A 118 -0.02 23.15 -2.58
CA GLN A 118 -1.27 22.83 -3.31
C GLN A 118 -1.33 23.48 -4.69
N ARG A 119 -0.58 24.58 -4.88
CA ARG A 119 -0.58 25.26 -6.18
C ARG A 119 -0.01 24.39 -7.29
N VAL A 120 0.81 23.41 -6.94
CA VAL A 120 1.35 22.51 -7.97
C VAL A 120 0.22 21.72 -8.65
N ALA A 121 -0.58 21.02 -7.84
CA ALA A 121 -1.70 20.23 -8.37
C ALA A 121 -2.71 21.16 -9.03
N ASP A 122 -2.96 22.31 -8.41
CA ASP A 122 -3.98 23.22 -8.94
C ASP A 122 -3.58 23.80 -10.30
N ASP A 123 -2.32 24.19 -10.44
CA ASP A 123 -1.78 24.64 -11.73
C ASP A 123 -1.81 23.52 -12.77
N ALA A 124 -1.36 22.34 -12.38
CA ALA A 124 -1.33 21.21 -13.32
C ALA A 124 -2.74 20.91 -13.83
N ALA A 125 -3.73 21.02 -12.97
CA ALA A 125 -5.12 20.72 -13.34
C ALA A 125 -5.72 21.65 -14.38
N THR A 126 -5.06 22.78 -14.64
CA THR A 126 -5.52 23.69 -15.69
C THR A 126 -5.07 23.22 -17.09
N ARG A 127 -4.20 22.21 -17.15
CA ARG A 127 -3.63 21.74 -18.43
C ARG A 127 -3.77 20.24 -18.64
N MET A 128 -4.03 19.50 -17.59
CA MET A 128 -4.07 18.03 -17.66
C MET A 128 -4.99 17.48 -16.57
N ARG A 129 -5.27 16.19 -16.62
CA ARG A 129 -6.07 15.55 -15.59
C ARG A 129 -5.20 15.23 -14.37
N VAL A 130 -5.68 15.62 -13.18
CA VAL A 130 -4.96 15.37 -11.94
C VAL A 130 -5.82 14.57 -10.98
N ARG A 131 -5.23 13.57 -10.33
CA ARG A 131 -5.96 12.72 -9.38
C ARG A 131 -5.17 12.56 -8.08
N GLU A 132 -5.67 13.17 -7.01
CA GLU A 132 -5.06 13.01 -5.69
C GLU A 132 -5.77 11.82 -5.01
N VAL A 133 -5.01 10.81 -4.61
CA VAL A 133 -5.63 9.58 -4.14
C VAL A 133 -4.93 8.98 -2.93
N SER A 134 -5.72 8.38 -2.06
CA SER A 134 -5.19 7.62 -0.92
CA SER A 134 -5.19 7.62 -0.91
C SER A 134 -5.39 6.12 -1.15
N ILE A 135 -4.46 5.31 -0.67
CA ILE A 135 -4.63 3.85 -0.84
C ILE A 135 -5.21 3.17 0.40
N GLY A 136 -5.49 3.93 1.46
CA GLY A 136 -6.07 3.34 2.65
C GLY A 136 -6.09 4.32 3.79
N ASP A 137 -6.64 3.90 4.93
CA ASP A 137 -6.76 4.78 6.07
C ASP A 137 -5.61 4.58 7.07
N TYR A 138 -4.42 4.96 6.65
CA TYR A 138 -3.25 4.91 7.50
C TYR A 138 -2.29 5.98 6.99
N VAL A 139 -1.39 6.40 7.84
CA VAL A 139 -0.43 7.43 7.46
C VAL A 139 0.92 6.80 7.13
N LEU A 140 1.47 7.17 5.98
CA LEU A 140 2.82 6.78 5.60
C LEU A 140 3.70 8.01 5.63
N ASN A 141 5.01 7.83 5.73
CA ASN A 141 5.93 8.97 5.72
C ASN A 141 5.94 9.69 4.37
N GLY A 142 5.77 8.93 3.30
CA GLY A 142 5.82 9.50 1.97
C GLY A 142 5.02 8.66 0.98
N GLY A 143 4.87 9.14 -0.24
CA GLY A 143 3.99 8.49 -1.21
C GLY A 143 4.60 7.30 -1.94
N GLU A 144 5.88 7.02 -1.72
CA GLU A 144 6.58 5.98 -2.48
C GLU A 144 5.93 4.58 -2.36
N ALA A 145 5.62 4.14 -1.14
CA ALA A 145 4.99 2.82 -0.99
C ALA A 145 3.62 2.79 -1.67
N ALA A 146 2.90 3.89 -1.58
CA ALA A 146 1.59 3.97 -2.22
C ALA A 146 1.73 3.90 -3.75
N ALA A 147 2.77 4.54 -4.29
CA ALA A 147 3.05 4.43 -5.73
C ALA A 147 3.30 2.99 -6.17
N LEU A 148 4.03 2.23 -5.37
CA LEU A 148 4.24 0.80 -5.66
C LEU A 148 2.93 0.01 -5.74
N VAL A 149 2.03 0.30 -4.82
CA VAL A 149 0.73 -0.36 -4.79
C VAL A 149 -0.08 0.01 -6.03
N ILE A 150 -0.13 1.30 -6.33
CA ILE A 150 -0.86 1.77 -7.52
C ILE A 150 -0.29 1.19 -8.80
N ILE A 151 1.04 1.20 -8.93
CA ILE A 151 1.65 0.70 -10.15
C ILE A 151 1.29 -0.78 -10.34
N GLU A 152 1.39 -1.52 -9.25
CA GLU A 152 1.06 -2.95 -9.32
C GLU A 152 -0.42 -3.17 -9.65
N ALA A 153 -1.32 -2.46 -8.97
CA ALA A 153 -2.75 -2.69 -9.15
C ALA A 153 -3.17 -2.33 -10.57
N VAL A 154 -2.56 -1.27 -11.11
CA VAL A 154 -2.88 -0.86 -12.49
C VAL A 154 -2.26 -1.79 -13.52
N LEU A 155 -0.96 -2.06 -13.42
CA LEU A 155 -0.29 -2.79 -14.51
C LEU A 155 -0.75 -4.24 -14.62
N ARG A 156 -1.26 -4.83 -13.54
CA ARG A 156 -1.68 -6.23 -13.66
C ARG A 156 -2.97 -6.33 -14.49
N LEU A 157 -3.63 -5.19 -14.72
CA LEU A 157 -4.85 -5.16 -15.55
C LEU A 157 -4.56 -4.86 -17.03
N VAL A 158 -3.30 -4.52 -17.33
CA VAL A 158 -2.92 -4.28 -18.73
C VAL A 158 -2.57 -5.61 -19.40
N PRO A 159 -3.28 -5.94 -20.49
CA PRO A 159 -3.18 -7.18 -21.28
C PRO A 159 -1.84 -7.89 -21.19
N GLY A 160 -0.77 -7.24 -21.65
CA GLY A 160 0.56 -7.83 -21.70
C GLY A 160 1.05 -8.55 -20.46
N VAL A 161 1.23 -7.81 -19.37
CA VAL A 161 1.88 -8.32 -18.15
C VAL A 161 1.34 -9.67 -17.63
N SER A 179 -18.34 -6.29 -3.12
CA SER A 179 -19.02 -7.54 -3.40
C SER A 179 -18.95 -8.49 -2.21
N LEU A 180 -18.28 -9.61 -2.39
CA LEU A 180 -18.00 -10.54 -1.31
C LEU A 180 -16.53 -10.91 -1.31
N LEU A 181 -16.01 -11.23 -0.13
CA LEU A 181 -14.64 -11.70 -0.02
C LEU A 181 -14.49 -13.14 -0.50
N GLU A 182 -13.32 -13.48 -1.03
CA GLU A 182 -13.03 -14.87 -1.37
C GLU A 182 -12.84 -15.69 -0.10
N GLY A 183 -13.32 -16.92 -0.11
CA GLY A 183 -13.22 -17.78 1.07
C GLY A 183 -11.89 -18.51 1.10
N PRO A 184 -11.75 -19.49 2.01
CA PRO A 184 -10.49 -20.22 2.14
C PRO A 184 -10.17 -21.11 0.94
N SER A 185 -8.88 -21.27 0.65
CA SER A 185 -8.40 -22.15 -0.41
CA SER A 185 -8.45 -22.19 -0.40
C SER A 185 -7.54 -23.26 0.16
N TYR A 186 -7.46 -24.38 -0.55
CA TYR A 186 -6.72 -25.55 -0.07
C TYR A 186 -6.04 -26.25 -1.21
N THR A 187 -4.92 -26.89 -0.92
CA THR A 187 -4.29 -27.77 -1.89
C THR A 187 -3.69 -28.97 -1.15
N ARG A 188 -2.93 -29.81 -1.86
CA ARG A 188 -2.35 -31.02 -1.30
C ARG A 188 -1.38 -30.68 -0.15
N PRO A 189 -1.26 -31.58 0.84
CA PRO A 189 -1.92 -32.88 0.98
C PRO A 189 -3.34 -32.76 1.58
N PRO A 190 -4.16 -33.81 1.46
CA PRO A 190 -5.55 -33.71 1.94
C PRO A 190 -5.65 -33.63 3.45
N SER A 191 -4.64 -34.14 4.13
CA SER A 191 -4.57 -34.02 5.58
C SER A 191 -3.20 -33.50 5.97
N TRP A 192 -3.18 -32.46 6.81
CA TRP A 192 -1.93 -31.79 7.19
C TRP A 192 -2.03 -31.26 8.62
N ARG A 193 -1.15 -31.76 9.49
CA ARG A 193 -1.12 -31.35 10.90
C ARG A 193 -2.50 -31.46 11.55
N GLY A 194 -3.18 -32.57 11.25
CA GLY A 194 -4.46 -32.86 11.87
C GLY A 194 -5.65 -32.11 11.30
N MET A 195 -5.43 -31.37 10.22
CA MET A 195 -6.52 -30.65 9.56
C MET A 195 -6.79 -31.21 8.15
N ASP A 196 -8.04 -31.61 7.91
CA ASP A 196 -8.44 -32.16 6.62
C ASP A 196 -9.02 -31.07 5.73
N VAL A 197 -8.73 -31.16 4.44
CA VAL A 197 -9.41 -30.31 3.47
C VAL A 197 -10.91 -30.64 3.54
N PRO A 198 -11.77 -29.60 3.51
CA PRO A 198 -13.21 -29.88 3.54
C PRO A 198 -13.63 -30.89 2.48
N PRO A 199 -14.25 -32.00 2.91
CA PRO A 199 -14.57 -33.11 2.01
C PRO A 199 -15.41 -32.71 0.80
N VAL A 200 -16.24 -31.68 0.94
CA VAL A 200 -17.05 -31.24 -0.19
C VAL A 200 -16.17 -30.90 -1.41
N LEU A 201 -14.97 -30.38 -1.16
CA LEU A 201 -14.11 -29.96 -2.27
C LEU A 201 -13.60 -31.16 -3.08
N LEU A 202 -13.65 -32.33 -2.46
CA LEU A 202 -13.27 -33.58 -3.10
C LEU A 202 -14.46 -34.36 -3.63
N SER A 203 -15.65 -33.78 -3.57
CA SER A 203 -16.86 -34.55 -3.83
C SER A 203 -17.17 -34.79 -5.32
N GLY A 204 -16.62 -33.96 -6.20
CA GLY A 204 -17.03 -34.04 -7.59
C GLY A 204 -18.44 -33.53 -7.85
N ASP A 205 -19.05 -32.88 -6.85
CA ASP A 205 -20.37 -32.27 -7.01
C ASP A 205 -20.15 -30.78 -7.18
N HIS A 206 -20.02 -30.31 -8.41
CA HIS A 206 -19.50 -28.96 -8.58
C HIS A 206 -20.52 -27.87 -8.30
N ALA A 207 -21.80 -28.21 -8.39
CA ALA A 207 -22.81 -27.25 -7.99
C ALA A 207 -22.79 -27.07 -6.48
N LYS A 208 -22.63 -28.19 -5.77
CA LYS A 208 -22.57 -28.12 -4.30
C LYS A 208 -21.31 -27.38 -3.84
N ILE A 209 -20.19 -27.62 -4.52
CA ILE A 209 -18.96 -26.92 -4.21
C ILE A 209 -19.15 -25.42 -4.37
N ALA A 210 -19.80 -25.00 -5.45
CA ALA A 210 -20.06 -23.57 -5.65
C ALA A 210 -20.90 -22.98 -4.52
N ALA A 211 -21.92 -23.71 -4.09
CA ALA A 211 -22.79 -23.23 -3.03
C ALA A 211 -22.02 -23.16 -1.71
N TRP A 212 -21.17 -24.14 -1.45
CA TRP A 212 -20.36 -24.14 -0.23
C TRP A 212 -19.41 -22.94 -0.20
N ARG A 213 -18.78 -22.67 -1.34
CA ARG A 213 -17.88 -21.53 -1.42
C ARG A 213 -18.61 -20.22 -1.23
N ALA A 214 -19.83 -20.13 -1.76
CA ALA A 214 -20.66 -18.94 -1.59
C ALA A 214 -20.96 -18.68 -0.12
N GLU A 215 -21.29 -19.75 0.60
CA GLU A 215 -21.59 -19.62 2.03
C GLU A 215 -20.33 -19.26 2.81
N GLN A 216 -19.18 -19.84 2.44
CA GLN A 216 -17.92 -19.48 3.11
C GLN A 216 -17.62 -17.99 2.90
N SER A 217 -17.85 -17.53 1.68
CA SER A 217 -17.66 -16.13 1.33
CA SER A 217 -17.65 -16.12 1.35
C SER A 217 -18.59 -15.23 2.15
N ARG A 218 -19.85 -15.66 2.29
CA ARG A 218 -20.82 -14.90 3.08
C ARG A 218 -20.35 -14.77 4.51
N GLN A 219 -19.96 -15.89 5.12
CA GLN A 219 -19.53 -15.89 6.51
C GLN A 219 -18.29 -15.04 6.72
N ARG A 220 -17.32 -15.16 5.81
CA ARG A 220 -16.07 -14.41 5.95
C ARG A 220 -16.30 -12.91 5.80
N THR A 221 -17.20 -12.54 4.88
CA THR A 221 -17.49 -11.14 4.64
C THR A 221 -18.22 -10.53 5.85
N ILE A 222 -19.21 -11.24 6.38
CA ILE A 222 -19.88 -10.80 7.62
C ILE A 222 -18.88 -10.56 8.75
N GLU A 223 -17.95 -11.49 8.91
CA GLU A 223 -16.99 -11.43 10.01
C GLU A 223 -15.93 -10.33 9.83
N ARG A 224 -15.36 -10.24 8.63
CA ARG A 224 -14.20 -9.37 8.43
C ARG A 224 -14.51 -8.02 7.79
N ARG A 225 -15.54 -7.99 6.96
CA ARG A 225 -15.84 -6.80 6.17
C ARG A 225 -17.34 -6.55 6.09
N PRO A 226 -18.00 -6.38 7.25
CA PRO A 226 -19.46 -6.14 7.23
C PRO A 226 -19.85 -4.87 6.45
N ASP A 227 -18.90 -3.97 6.23
CA ASP A 227 -19.14 -2.75 5.47
C ASP A 227 -19.52 -3.07 4.01
N LEU A 228 -19.06 -4.21 3.50
CA LEU A 228 -19.33 -4.60 2.12
C LEU A 228 -20.77 -5.09 1.92
N LEU A 229 -21.51 -5.24 3.02
CA LEU A 229 -22.87 -5.77 2.94
C LEU A 229 -23.95 -4.72 3.18
N GLY A 230 -23.58 -3.62 3.85
CA GLY A 230 -24.51 -2.55 4.15
C GLY A 230 -25.48 -2.90 5.27
N SER B 2 12.63 -1.62 20.42
CA SER B 2 13.43 -2.60 19.70
C SER B 2 12.51 -3.70 19.13
N MET B 3 12.29 -3.62 17.83
CA MET B 3 11.36 -4.54 17.15
C MET B 3 12.10 -5.38 16.12
N LYS B 4 11.67 -6.63 15.96
CA LYS B 4 12.17 -7.46 14.88
C LYS B 4 11.04 -7.72 13.88
N ILE B 5 11.31 -7.51 12.60
CA ILE B 5 10.37 -7.87 11.55
C ILE B 5 11.01 -8.88 10.63
N ASP B 6 10.38 -10.06 10.49
CA ASP B 6 10.78 -11.05 9.50
C ASP B 6 9.76 -11.06 8.38
N VAL B 7 10.23 -11.01 7.13
CA VAL B 7 9.33 -11.08 5.98
C VAL B 7 9.67 -12.33 5.18
N VAL B 8 8.66 -13.14 4.86
CA VAL B 8 8.88 -14.36 4.08
C VAL B 8 8.17 -14.23 2.75
N THR B 9 8.89 -14.49 1.66
CA THR B 9 8.39 -14.19 0.31
C THR B 9 9.12 -15.04 -0.71
N ILE B 10 8.52 -15.26 -1.88
CA ILE B 10 9.30 -15.88 -2.95
C ILE B 10 9.99 -14.82 -3.83
N PHE B 11 9.81 -13.55 -3.49
CA PHE B 11 10.51 -12.47 -4.18
C PHE B 11 11.26 -11.60 -3.18
N PRO B 12 12.32 -12.14 -2.56
CA PRO B 12 13.05 -11.37 -1.55
C PRO B 12 13.62 -10.06 -2.09
N GLU B 13 13.91 -10.01 -3.39
CA GLU B 13 14.47 -8.79 -3.99
C GLU B 13 13.47 -7.63 -4.00
N TYR B 14 12.17 -7.93 -4.07
CA TYR B 14 11.16 -6.87 -4.06
C TYR B 14 11.13 -6.12 -2.74
N LEU B 15 11.65 -6.73 -1.68
CA LEU B 15 11.56 -6.13 -0.35
C LEU B 15 12.75 -5.23 -0.02
N GLN B 16 13.59 -4.95 -1.02
CA GLN B 16 14.71 -4.03 -0.83
C GLN B 16 14.38 -2.52 -0.72
N PRO B 17 13.19 -2.07 -1.23
CA PRO B 17 12.79 -0.68 -0.95
C PRO B 17 12.70 -0.34 0.54
N VAL B 18 12.65 -1.36 1.39
CA VAL B 18 12.62 -1.17 2.83
C VAL B 18 13.97 -0.61 3.33
N ARG B 19 15.00 -0.70 2.50
CA ARG B 19 16.34 -0.22 2.86
C ARG B 19 16.44 1.29 2.71
N GLN B 20 15.32 1.93 2.40
CA GLN B 20 15.26 3.37 2.17
C GLN B 20 14.20 4.05 3.04
N SER B 21 14.18 5.37 2.95
CA SER B 21 13.15 6.20 3.55
C SER B 21 13.16 5.99 5.04
N LEU B 22 11.98 6.08 5.64
CA LEU B 22 11.84 5.90 7.08
C LEU B 22 12.32 4.53 7.55
N PRO B 23 11.96 3.43 6.85
CA PRO B 23 12.45 2.12 7.35
C PRO B 23 13.97 1.98 7.35
N GLY B 24 14.65 2.50 6.32
CA GLY B 24 16.09 2.42 6.26
C GLY B 24 16.76 3.15 7.41
N LYS B 25 16.24 4.34 7.72
CA LYS B 25 16.77 5.14 8.82
C LYS B 25 16.51 4.45 10.16
N ALA B 26 15.35 3.82 10.29
CA ALA B 26 15.01 3.10 11.52
C ALA B 26 15.97 1.93 11.76
N ILE B 27 16.29 1.20 10.69
CA ILE B 27 17.23 0.09 10.76
C ILE B 27 18.64 0.55 11.10
N ASP B 28 19.10 1.60 10.43
CA ASP B 28 20.44 2.13 10.63
C ASP B 28 20.63 2.68 12.05
N ALA B 29 19.53 3.08 12.68
CA ALA B 29 19.57 3.61 14.03
C ALA B 29 19.34 2.53 15.09
N GLY B 30 19.20 1.29 14.64
CA GLY B 30 19.08 0.14 15.54
C GLY B 30 17.78 0.04 16.31
N LEU B 31 16.72 0.67 15.82
CA LEU B 31 15.42 0.61 16.49
C LEU B 31 14.62 -0.59 16.02
N VAL B 32 14.94 -1.04 14.81
CA VAL B 32 14.29 -2.20 14.24
C VAL B 32 15.30 -3.01 13.43
N ASP B 33 15.08 -4.31 13.35
CA ASP B 33 15.84 -5.14 12.45
C ASP B 33 14.86 -5.82 11.50
N VAL B 34 15.07 -5.64 10.21
CA VAL B 34 14.19 -6.26 9.21
C VAL B 34 14.96 -7.31 8.44
N ALA B 35 14.48 -8.55 8.50
CA ALA B 35 15.15 -9.64 7.79
C ALA B 35 14.22 -10.24 6.76
N VAL B 36 14.71 -10.44 5.54
CA VAL B 36 13.86 -10.97 4.47
C VAL B 36 14.30 -12.39 4.13
N HIS B 37 13.33 -13.30 4.08
CA HIS B 37 13.62 -14.72 3.86
C HIS B 37 12.96 -15.25 2.59
N ASP B 38 13.76 -15.92 1.77
CA ASP B 38 13.25 -16.61 0.59
C ASP B 38 12.49 -17.87 1.02
N LEU B 39 11.20 -17.93 0.71
CA LEU B 39 10.39 -19.09 1.08
C LEU B 39 10.96 -20.41 0.52
N ARG B 40 11.62 -20.35 -0.63
CA ARG B 40 12.12 -21.57 -1.29
C ARG B 40 13.26 -22.23 -0.49
N ARG B 41 13.80 -21.49 0.48
CA ARG B 41 14.77 -22.05 1.41
C ARG B 41 14.21 -23.28 2.15
N TRP B 42 12.89 -23.38 2.25
CA TRP B 42 12.29 -24.48 2.99
C TRP B 42 11.68 -25.56 2.08
N THR B 43 12.09 -25.58 0.83
CA THR B 43 11.64 -26.64 -0.08
C THR B 43 12.68 -27.77 -0.10
N HIS B 44 12.26 -28.96 -0.54
CA HIS B 44 13.13 -30.14 -0.54
C HIS B 44 13.17 -30.87 -1.89
N ASP B 45 12.36 -30.41 -2.84
CA ASP B 45 12.37 -30.99 -4.18
C ASP B 45 13.29 -30.19 -5.09
N VAL B 46 13.66 -30.78 -6.23
CA VAL B 46 14.57 -30.13 -7.16
C VAL B 46 14.00 -28.85 -7.74
N HIS B 47 12.71 -28.88 -8.08
CA HIS B 47 12.06 -27.74 -8.71
C HIS B 47 11.67 -26.66 -7.70
N LYS B 48 11.90 -26.92 -6.43
CA LYS B 48 11.59 -25.97 -5.33
C LYS B 48 10.14 -25.48 -5.38
N SER B 49 9.21 -26.42 -5.47
CA SER B 49 7.80 -26.10 -5.69
C SER B 49 7.12 -25.53 -4.44
N VAL B 50 6.47 -24.38 -4.60
CA VAL B 50 5.79 -23.75 -3.46
C VAL B 50 4.28 -23.72 -3.66
N ASP B 51 3.81 -24.10 -4.84
CA ASP B 51 2.38 -24.01 -5.14
C ASP B 51 1.82 -25.26 -5.81
N ASP B 52 0.51 -25.41 -5.77
CA ASP B 52 -0.15 -26.57 -6.34
C ASP B 52 -1.57 -26.15 -6.73
N SER B 53 -2.24 -26.94 -7.56
CA SER B 53 -3.61 -26.59 -7.99
C SER B 53 -4.61 -26.71 -6.82
N PRO B 54 -5.67 -25.88 -6.83
CA PRO B 54 -6.64 -25.85 -5.72
C PRO B 54 -7.55 -27.08 -5.68
N TYR B 55 -7.80 -27.58 -4.48
CA TYR B 55 -8.88 -28.55 -4.33
C TYR B 55 -10.21 -27.89 -4.62
N GLY B 56 -11.09 -28.62 -5.31
CA GLY B 56 -12.43 -28.13 -5.58
C GLY B 56 -12.51 -27.31 -6.84
N GLY B 57 -11.36 -27.09 -7.48
CA GLY B 57 -11.31 -26.35 -8.73
C GLY B 57 -11.10 -24.85 -8.60
N GLY B 58 -10.97 -24.21 -9.75
CA GLY B 58 -10.79 -22.77 -9.76
C GLY B 58 -9.52 -22.40 -10.50
N PRO B 59 -9.38 -21.12 -10.81
CA PRO B 59 -8.19 -20.66 -11.54
C PRO B 59 -6.98 -20.57 -10.64
N GLY B 60 -5.80 -20.72 -11.24
CA GLY B 60 -4.58 -20.42 -10.53
C GLY B 60 -4.11 -21.52 -9.61
N MET B 61 -3.21 -21.13 -8.72
CA MET B 61 -2.51 -22.07 -7.88
C MET B 61 -2.62 -21.59 -6.44
N VAL B 62 -2.40 -22.51 -5.51
CA VAL B 62 -2.48 -22.22 -4.10
C VAL B 62 -1.13 -22.54 -3.46
N MET B 63 -0.63 -21.69 -2.57
CA MET B 63 0.66 -22.04 -1.96
C MET B 63 0.51 -23.22 -0.98
N LYS B 64 1.44 -24.18 -1.10
CA LYS B 64 1.46 -25.39 -0.28
C LYS B 64 1.59 -25.13 1.22
N PRO B 65 0.80 -25.83 2.05
CA PRO B 65 0.96 -25.62 3.49
C PRO B 65 2.28 -26.17 4.03
N THR B 66 2.79 -27.24 3.43
CA THR B 66 3.98 -27.91 3.99
C THR B 66 5.17 -26.96 4.07
N VAL B 67 5.46 -26.27 2.97
CA VAL B 67 6.59 -25.35 2.90
C VAL B 67 6.43 -24.19 3.89
N TRP B 68 5.24 -23.59 3.90
CA TRP B 68 4.95 -22.50 4.82
C TRP B 68 5.07 -22.93 6.28
N GLY B 69 4.56 -24.13 6.57
CA GLY B 69 4.62 -24.66 7.93
C GLY B 69 6.05 -24.77 8.44
N ASP B 70 6.94 -25.29 7.59
CA ASP B 70 8.35 -25.44 7.96
C ASP B 70 8.99 -24.06 8.17
N ALA B 71 8.70 -23.13 7.27
CA ALA B 71 9.27 -21.78 7.38
C ALA B 71 8.84 -21.11 8.68
N LEU B 72 7.55 -21.16 8.96
CA LEU B 72 7.01 -20.50 10.15
C LEU B 72 7.44 -21.22 11.43
N ASP B 73 7.58 -22.54 11.37
CA ASP B 73 8.15 -23.31 12.49
C ASP B 73 9.51 -22.74 12.90
N GLU B 74 10.32 -22.37 11.92
CA GLU B 74 11.68 -21.92 12.20
C GLU B 74 11.75 -20.47 12.69
N ILE B 75 10.91 -19.63 12.11
CA ILE B 75 10.98 -18.19 12.31
C ILE B 75 10.12 -17.68 13.47
N CYS B 76 8.98 -18.32 13.72
CA CYS B 76 8.03 -17.84 14.73
C CYS B 76 8.20 -18.46 16.12
N THR B 77 7.86 -17.69 17.14
CA THR B 77 7.69 -18.20 18.50
C THR B 77 6.25 -17.94 18.94
N SER B 78 5.90 -18.37 20.14
CA SER B 78 4.55 -18.12 20.65
C SER B 78 4.27 -16.63 20.87
N GLU B 79 5.33 -15.81 20.94
CA GLU B 79 5.18 -14.37 21.18
C GLU B 79 4.99 -13.59 19.88
N THR B 80 5.23 -14.25 18.75
CA THR B 80 5.15 -13.62 17.43
C THR B 80 3.74 -13.18 17.07
N LEU B 81 3.65 -12.00 16.47
CA LEU B 81 2.44 -11.62 15.75
C LEU B 81 2.61 -11.94 14.28
N LEU B 82 1.87 -12.94 13.80
CA LEU B 82 1.94 -13.35 12.41
C LEU B 82 0.95 -12.54 11.60
N VAL B 83 1.48 -11.80 10.64
CA VAL B 83 0.70 -10.93 9.77
C VAL B 83 0.62 -11.56 8.39
N VAL B 84 -0.60 -11.76 7.90
CA VAL B 84 -0.80 -12.37 6.59
C VAL B 84 -1.58 -11.41 5.71
N PRO B 85 -0.89 -10.65 4.85
CA PRO B 85 -1.61 -9.76 3.95
C PRO B 85 -2.44 -10.57 2.96
N THR B 86 -3.71 -10.18 2.81
CA THR B 86 -4.63 -10.87 1.89
C THR B 86 -5.79 -9.94 1.57
N PRO B 87 -6.28 -9.97 0.32
CA PRO B 87 -7.40 -9.09 -0.02
C PRO B 87 -8.67 -9.43 0.77
N ALA B 88 -8.69 -10.63 1.34
CA ALA B 88 -9.85 -11.07 2.11
C ALA B 88 -9.65 -10.88 3.62
N GLY B 89 -8.70 -10.03 4.01
CA GLY B 89 -8.41 -9.90 5.43
C GLY B 89 -9.28 -8.85 6.10
N TYR B 90 -9.15 -8.76 7.43
CA TYR B 90 -9.67 -7.60 8.18
C TYR B 90 -8.93 -6.33 7.71
N PRO B 91 -9.59 -5.16 7.77
CA PRO B 91 -8.87 -3.96 7.29
C PRO B 91 -7.69 -3.57 8.16
N PHE B 92 -6.55 -3.30 7.53
CA PHE B 92 -5.42 -2.67 8.22
C PHE B 92 -5.66 -1.17 8.28
N THR B 93 -5.74 -0.59 9.47
CA THR B 93 -6.01 0.84 9.61
C THR B 93 -4.96 1.49 10.49
N GLN B 94 -5.08 2.81 10.67
CA GLN B 94 -4.14 3.52 11.54
C GLN B 94 -4.19 2.97 12.95
N GLU B 95 -5.37 2.57 13.39
CA GLU B 95 -5.48 1.96 14.71
C GLU B 95 -4.63 0.68 14.78
N THR B 96 -4.68 -0.12 13.72
CA THR B 96 -3.88 -1.35 13.64
C THR B 96 -2.40 -1.02 13.70
N ALA B 97 -2.01 0.04 13.00
CA ALA B 97 -0.59 0.43 12.97
C ALA B 97 -0.12 0.82 14.38
N TRP B 98 -0.92 1.61 15.10
CA TRP B 98 -0.58 1.92 16.50
C TRP B 98 -0.47 0.65 17.36
N GLN B 99 -1.38 -0.29 17.15
CA GLN B 99 -1.36 -1.49 17.97
C GLN B 99 -0.08 -2.28 17.71
N TRP B 100 0.29 -2.42 16.46
CA TRP B 100 1.44 -3.27 16.13
C TRP B 100 2.75 -2.56 16.41
N SER B 101 2.70 -1.24 16.64
CA SER B 101 3.92 -0.47 16.83
C SER B 101 4.59 -0.84 18.15
N THR B 102 3.87 -1.53 19.02
CA THR B 102 4.44 -1.88 20.32
C THR B 102 4.80 -3.37 20.41
N GLU B 103 4.72 -4.08 19.29
CA GLU B 103 5.06 -5.51 19.25
C GLU B 103 6.56 -5.75 19.21
N ASP B 104 7.00 -6.84 19.85
CA ASP B 104 8.41 -7.21 19.82
C ASP B 104 8.79 -7.90 18.50
N HIS B 105 7.85 -8.64 17.92
CA HIS B 105 8.20 -9.49 16.79
C HIS B 105 7.04 -9.63 15.81
N LEU B 106 7.21 -9.07 14.62
CA LEU B 106 6.24 -9.26 13.54
C LEU B 106 6.85 -10.19 12.52
N VAL B 107 6.06 -11.16 12.08
CA VAL B 107 6.44 -11.96 10.92
C VAL B 107 5.38 -11.73 9.86
N ILE B 108 5.81 -11.36 8.66
CA ILE B 108 4.88 -11.05 7.59
C ILE B 108 5.02 -12.11 6.49
N ALA B 109 3.94 -12.85 6.28
CA ALA B 109 3.93 -13.94 5.33
C ALA B 109 3.31 -13.44 4.04
N CYS B 110 4.14 -13.28 3.00
CA CYS B 110 3.67 -12.77 1.71
C CYS B 110 3.25 -13.89 0.79
N GLY B 111 2.00 -13.83 0.36
CA GLY B 111 1.45 -14.83 -0.55
C GLY B 111 1.45 -14.36 -1.99
N ARG B 112 1.31 -15.33 -2.89
CA ARG B 112 1.27 -15.09 -4.33
C ARG B 112 0.26 -16.07 -4.91
N TYR B 113 0.07 -16.02 -6.23
CA TYR B 113 -0.97 -16.79 -6.92
C TYR B 113 -2.34 -16.48 -6.31
N GLU B 114 -3.08 -17.52 -5.93
CA GLU B 114 -4.44 -17.31 -5.42
C GLU B 114 -4.52 -17.37 -3.89
N GLY B 115 -3.37 -17.31 -3.23
CA GLY B 115 -3.33 -17.29 -1.77
C GLY B 115 -2.65 -18.51 -1.16
N ILE B 116 -2.58 -18.52 0.16
CA ILE B 116 -1.93 -19.58 0.95
C ILE B 116 -2.99 -20.53 1.48
N ASP B 117 -2.72 -21.83 1.42
CA ASP B 117 -3.61 -22.84 2.00
C ASP B 117 -4.08 -22.38 3.39
N GLN B 118 -5.39 -22.35 3.61
CA GLN B 118 -5.94 -21.80 4.85
C GLN B 118 -5.42 -22.46 6.12
N ARG B 119 -4.97 -23.70 5.99
CA ARG B 119 -4.52 -24.44 7.16
C ARG B 119 -3.22 -23.86 7.75
N VAL B 120 -2.46 -23.11 6.96
CA VAL B 120 -1.24 -22.49 7.49
C VAL B 120 -1.60 -21.52 8.59
N ALA B 121 -2.48 -20.57 8.28
CA ALA B 121 -2.97 -19.62 9.30
C ALA B 121 -3.67 -20.33 10.46
N ASP B 122 -4.43 -21.37 10.16
CA ASP B 122 -5.20 -22.04 11.20
C ASP B 122 -4.27 -22.77 12.18
N ASP B 123 -3.27 -23.45 11.62
CA ASP B 123 -2.25 -24.14 12.43
C ASP B 123 -1.45 -23.15 13.27
N ALA B 124 -1.03 -22.05 12.65
CA ALA B 124 -0.24 -21.04 13.36
C ALA B 124 -1.02 -20.47 14.54
N ALA B 125 -2.33 -20.31 14.37
CA ALA B 125 -3.17 -19.72 15.40
C ALA B 125 -3.26 -20.58 16.67
N THR B 126 -2.91 -21.86 16.55
CA THR B 126 -2.89 -22.73 17.73
C THR B 126 -1.69 -22.43 18.62
N ARG B 127 -0.74 -21.64 18.12
CA ARG B 127 0.51 -21.43 18.85
C ARG B 127 0.87 -19.95 19.00
N MET B 128 0.29 -19.09 18.16
CA MET B 128 0.59 -17.66 18.22
C MET B 128 -0.62 -16.84 17.76
N ARG B 129 -0.53 -15.52 17.91
CA ARG B 129 -1.55 -14.61 17.39
C ARG B 129 -1.38 -14.42 15.89
N VAL B 130 -2.49 -14.52 15.13
CA VAL B 130 -2.44 -14.42 13.68
C VAL B 130 -3.40 -13.32 13.22
N ARG B 131 -2.96 -12.47 12.31
CA ARG B 131 -3.81 -11.42 11.79
C ARG B 131 -3.78 -11.43 10.26
N GLU B 132 -4.89 -11.79 9.64
CA GLU B 132 -5.00 -11.66 8.20
C GLU B 132 -5.59 -10.28 7.89
N VAL B 133 -4.89 -9.50 7.07
CA VAL B 133 -5.30 -8.11 6.86
C VAL B 133 -5.21 -7.67 5.42
N SER B 134 -6.13 -6.80 5.04
CA SER B 134 -6.10 -6.15 3.73
CA SER B 134 -6.09 -6.15 3.74
C SER B 134 -5.68 -4.70 3.89
N ILE B 135 -4.96 -4.15 2.92
CA ILE B 135 -4.56 -2.75 3.05
C ILE B 135 -5.48 -1.82 2.24
N GLY B 136 -6.45 -2.38 1.52
CA GLY B 136 -7.35 -1.54 0.77
C GLY B 136 -8.19 -2.37 -0.18
N ASP B 137 -9.09 -1.72 -0.92
CA ASP B 137 -9.97 -2.48 -1.78
C ASP B 137 -9.48 -2.44 -3.23
N TYR B 138 -8.43 -3.19 -3.49
CA TYR B 138 -7.88 -3.31 -4.84
C TYR B 138 -7.13 -4.63 -4.91
N VAL B 139 -6.90 -5.10 -6.13
CA VAL B 139 -6.28 -6.39 -6.33
C VAL B 139 -4.80 -6.25 -6.64
N LEU B 140 -3.97 -6.98 -5.90
CA LEU B 140 -2.55 -7.05 -6.17
C LEU B 140 -2.15 -8.45 -6.60
N ASN B 141 -0.98 -8.59 -7.21
CA ASN B 141 -0.49 -9.92 -7.59
C ASN B 141 0.01 -10.71 -6.39
N GLY B 142 0.53 -10.01 -5.39
CA GLY B 142 1.11 -10.69 -4.26
C GLY B 142 1.09 -9.80 -3.03
N GLY B 143 1.48 -10.35 -1.89
CA GLY B 143 1.43 -9.62 -0.63
C GLY B 143 2.63 -8.71 -0.35
N GLU B 144 3.63 -8.73 -1.24
CA GLU B 144 4.86 -7.98 -1.03
C GLU B 144 4.67 -6.48 -0.92
N ALA B 145 3.91 -5.88 -1.83
CA ALA B 145 3.71 -4.43 -1.74
C ALA B 145 2.94 -4.06 -0.49
N ALA B 146 2.00 -4.92 -0.09
CA ALA B 146 1.25 -4.69 1.13
C ALA B 146 2.15 -4.77 2.35
N ALA B 147 3.09 -5.71 2.34
CA ALA B 147 4.10 -5.78 3.39
C ALA B 147 4.87 -4.47 3.56
N LEU B 148 5.25 -3.87 2.44
CA LEU B 148 6.00 -2.61 2.49
C LEU B 148 5.18 -1.48 3.10
N VAL B 149 3.90 -1.43 2.73
CA VAL B 149 2.99 -0.43 3.29
C VAL B 149 2.84 -0.63 4.79
N ILE B 150 2.61 -1.88 5.20
CA ILE B 150 2.45 -2.15 6.64
C ILE B 150 3.71 -1.78 7.42
N ILE B 151 4.86 -2.16 6.89
CA ILE B 151 6.12 -1.84 7.57
C ILE B 151 6.29 -0.33 7.71
N GLU B 152 6.02 0.42 6.64
CA GLU B 152 6.11 1.88 6.68
C GLU B 152 5.16 2.47 7.73
N ALA B 153 3.93 1.99 7.75
CA ALA B 153 2.90 2.56 8.63
C ALA B 153 3.20 2.29 10.11
N VAL B 154 3.74 1.11 10.37
CA VAL B 154 4.06 0.69 11.74
C VAL B 154 5.35 1.33 12.23
N LEU B 155 6.39 1.28 11.41
CA LEU B 155 7.71 1.76 11.87
C LEU B 155 7.74 3.23 12.24
N ARG B 156 6.95 4.06 11.56
CA ARG B 156 7.00 5.49 11.85
C ARG B 156 6.35 5.82 13.20
N LEU B 157 5.72 4.82 13.81
CA LEU B 157 5.03 5.00 15.08
C LEU B 157 5.84 4.47 16.26
N VAL B 158 6.88 3.70 15.97
CA VAL B 158 7.65 3.06 17.05
C VAL B 158 8.34 4.13 17.88
N PRO B 159 8.30 4.00 19.22
CA PRO B 159 8.97 5.00 20.07
C PRO B 159 10.44 5.07 19.73
N GLY B 160 10.95 6.29 19.50
CA GLY B 160 12.33 6.43 19.08
C GLY B 160 12.45 6.88 17.64
N VAL B 161 11.48 6.50 16.80
CA VAL B 161 11.44 7.00 15.42
C VAL B 161 10.71 8.34 15.43
N LEU B 162 11.08 9.18 16.40
CA LEU B 162 10.39 10.43 16.69
C LEU B 162 8.92 10.16 17.02
N SER B 179 -10.33 10.23 11.84
CA SER B 179 -10.19 11.67 12.02
C SER B 179 -10.80 12.40 10.83
N LEU B 180 -10.17 13.51 10.43
CA LEU B 180 -10.53 14.24 9.23
C LEU B 180 -9.32 14.33 8.31
N LEU B 181 -9.52 14.89 7.12
CA LEU B 181 -8.42 15.03 6.15
C LEU B 181 -7.65 16.32 6.35
N GLU B 182 -6.34 16.27 6.16
CA GLU B 182 -5.55 17.50 6.19
C GLU B 182 -5.91 18.32 4.95
N GLY B 183 -6.05 19.63 5.14
CA GLY B 183 -6.34 20.51 4.02
C GLY B 183 -5.06 20.85 3.26
N PRO B 184 -5.15 21.79 2.32
CA PRO B 184 -3.99 22.17 1.50
C PRO B 184 -2.88 22.84 2.30
N SER B 185 -1.63 22.65 1.87
CA SER B 185 -0.47 23.26 2.51
CA SER B 185 -0.49 23.28 2.51
C SER B 185 0.28 24.10 1.49
N TYR B 186 1.01 25.11 1.96
CA TYR B 186 1.73 26.01 1.09
C TYR B 186 3.08 26.38 1.67
N THR B 187 4.00 26.75 0.81
CA THR B 187 5.28 27.29 1.25
C THR B 187 5.78 28.35 0.25
N ARG B 188 7.00 28.86 0.42
CA ARG B 188 7.47 29.99 -0.37
C ARG B 188 7.65 29.61 -1.85
N PRO B 189 7.45 30.56 -2.78
CA PRO B 189 7.12 31.98 -2.60
C PRO B 189 5.62 32.25 -2.42
N PRO B 190 5.26 33.44 -1.90
CA PRO B 190 3.85 33.75 -1.61
C PRO B 190 3.00 33.90 -2.86
N SER B 191 3.64 34.19 -4.00
CA SER B 191 2.94 34.20 -5.28
C SER B 191 3.73 33.36 -6.28
N TRP B 192 3.06 32.47 -7.00
CA TRP B 192 3.75 31.60 -7.95
C TRP B 192 2.85 31.32 -9.15
N ARG B 193 3.35 31.63 -10.35
CA ARG B 193 2.56 31.53 -11.59
C ARG B 193 1.22 32.26 -11.51
N GLY B 194 1.18 33.35 -10.75
CA GLY B 194 -0.04 34.12 -10.61
C GLY B 194 -1.02 33.52 -9.61
N MET B 195 -0.56 32.51 -8.88
CA MET B 195 -1.36 31.88 -7.83
C MET B 195 -0.85 32.27 -6.44
N ASP B 196 -1.69 32.92 -5.66
CA ASP B 196 -1.27 33.41 -4.33
C ASP B 196 -1.62 32.43 -3.21
N VAL B 197 -0.70 32.32 -2.24
CA VAL B 197 -1.01 31.66 -0.98
C VAL B 197 -2.15 32.41 -0.29
N PRO B 198 -3.15 31.67 0.24
CA PRO B 198 -4.28 32.27 0.96
C PRO B 198 -3.77 33.26 2.01
N PRO B 199 -4.22 34.52 1.90
CA PRO B 199 -3.70 35.64 2.70
C PRO B 199 -3.72 35.37 4.20
N VAL B 200 -4.71 34.63 4.67
CA VAL B 200 -4.81 34.35 6.10
C VAL B 200 -3.56 33.61 6.59
N LEU B 201 -2.95 32.79 5.74
CA LEU B 201 -1.77 32.03 6.14
C LEU B 201 -0.56 32.93 6.33
N LEU B 202 -0.60 34.11 5.72
CA LEU B 202 0.49 35.07 5.82
C LEU B 202 0.26 36.06 6.98
N SER B 203 -0.92 36.01 7.57
CA SER B 203 -1.36 37.05 8.52
C SER B 203 -0.76 36.90 9.92
N GLY B 204 -0.26 35.70 10.23
CA GLY B 204 0.28 35.44 11.55
C GLY B 204 -0.78 35.40 12.65
N ASP B 205 -2.05 35.37 12.27
CA ASP B 205 -3.16 35.28 13.24
C ASP B 205 -3.52 33.83 13.50
N HIS B 206 -2.98 33.26 14.57
CA HIS B 206 -3.11 31.82 14.84
C HIS B 206 -4.57 31.39 14.95
N ALA B 207 -5.41 32.25 15.52
CA ALA B 207 -6.83 31.98 15.64
C ALA B 207 -7.49 31.84 14.26
N LYS B 208 -7.26 32.82 13.40
CA LYS B 208 -7.86 32.82 12.08
C LYS B 208 -7.28 31.70 11.21
N ILE B 209 -5.98 31.43 11.38
CA ILE B 209 -5.34 30.37 10.62
C ILE B 209 -5.90 29.01 11.01
N ALA B 210 -6.05 28.79 12.32
CA ALA B 210 -6.64 27.56 12.82
C ALA B 210 -8.05 27.39 12.25
N ALA B 211 -8.82 28.47 12.25
CA ALA B 211 -10.20 28.43 11.78
C ALA B 211 -10.29 28.11 10.29
N TRP B 212 -9.49 28.80 9.49
CA TRP B 212 -9.47 28.58 8.05
C TRP B 212 -9.07 27.13 7.72
N ARG B 213 -8.05 26.64 8.41
CA ARG B 213 -7.57 25.27 8.22
C ARG B 213 -8.61 24.24 8.60
N ALA B 214 -9.40 24.55 9.63
CA ALA B 214 -10.46 23.65 10.05
C ALA B 214 -11.55 23.60 8.98
N GLU B 215 -11.84 24.76 8.40
CA GLU B 215 -12.84 24.87 7.35
C GLU B 215 -12.38 24.21 6.06
N GLN B 216 -11.09 24.32 5.75
CA GLN B 216 -10.53 23.68 4.58
C GLN B 216 -10.61 22.16 4.68
N SER B 217 -10.30 21.65 5.86
CA SER B 217 -10.35 20.22 6.13
C SER B 217 -11.78 19.68 6.04
N ARG B 218 -12.74 20.45 6.55
CA ARG B 218 -14.15 20.03 6.51
C ARG B 218 -14.62 19.93 5.07
N GLN B 219 -14.24 20.92 4.28
CA GLN B 219 -14.63 21.02 2.89
C GLN B 219 -14.00 19.87 2.12
N ARG B 220 -12.73 19.59 2.39
CA ARG B 220 -12.03 18.50 1.70
C ARG B 220 -12.55 17.12 2.12
N THR B 221 -12.89 16.97 3.40
CA THR B 221 -13.36 15.68 3.91
C THR B 221 -14.74 15.37 3.31
N ILE B 222 -15.62 16.36 3.26
CA ILE B 222 -16.96 16.12 2.74
C ILE B 222 -16.89 15.81 1.22
N GLU B 223 -15.96 16.45 0.51
CA GLU B 223 -15.84 16.21 -0.93
C GLU B 223 -15.15 14.89 -1.25
N ARG B 224 -14.06 14.58 -0.55
CA ARG B 224 -13.24 13.41 -0.91
C ARG B 224 -13.54 12.16 -0.09
N ARG B 225 -13.92 12.34 1.18
CA ARG B 225 -14.13 11.20 2.07
C ARG B 225 -15.37 11.39 2.95
N PRO B 226 -16.56 11.50 2.33
CA PRO B 226 -17.75 11.77 3.14
C PRO B 226 -18.01 10.68 4.18
N ASP B 227 -17.50 9.46 3.94
CA ASP B 227 -17.66 8.37 4.89
C ASP B 227 -17.07 8.68 6.27
N LEU B 228 -16.00 9.47 6.31
CA LEU B 228 -15.31 9.79 7.57
C LEU B 228 -16.19 10.59 8.48
N LEU B 229 -17.17 11.29 7.89
CA LEU B 229 -18.09 12.14 8.65
C LEU B 229 -19.49 11.52 8.75
N GLY B 230 -19.59 10.24 8.39
CA GLY B 230 -20.83 9.50 8.51
C GLY B 230 -21.85 9.78 7.42
N PHE B 231 -21.37 10.08 6.22
CA PHE B 231 -22.27 10.27 5.08
C PHE B 231 -22.06 9.19 4.01
N ASP B 232 -23.01 9.08 3.08
CA ASP B 232 -22.96 8.06 2.04
C ASP B 232 -21.77 8.20 1.10
N SER B 233 -21.47 7.10 0.41
CA SER B 233 -20.43 7.01 -0.60
C SER B 233 -19.07 7.32 -0.01
N3 5OB C . -1.78 7.00 3.26
N1 5OB C . -2.60 6.53 1.22
C2 5OB C . -2.75 6.32 2.59
C7A 5OB C . -1.51 7.35 1.04
C3A 5OB C . -0.99 7.66 2.33
C4 5OB C . 0.16 8.50 2.47
C5 5OB C . 0.76 9.03 1.29
C6 5OB C . 0.22 8.72 -0.02
C7 5OB C . -0.90 7.90 -0.15
O10 5OB C . 1.89 9.86 1.39
C11 5OB C . 2.42 9.83 2.64
N3 5OB D . -5.18 -6.20 -1.74
N1 5OB D . -4.76 -5.77 0.43
C2 5OB D . -5.49 -5.38 -0.70
C7A 5OB D . -4.00 -6.85 0.08
C3A 5OB D . -4.25 -7.13 -1.30
C4 5OB D . -3.59 -8.21 -1.95
C5 5OB D . -2.67 -9.02 -1.23
C6 5OB D . -2.39 -8.74 0.17
C7 5OB D . -3.05 -7.68 0.81
O10 5OB D . -2.00 -10.11 -1.84
C11 5OB D . -2.52 -10.49 -3.07
#